data_8B0M
#
_entry.id   8B0M
#
_cell.length_a   1.00
_cell.length_b   1.00
_cell.length_c   1.00
_cell.angle_alpha   90.00
_cell.angle_beta   90.00
_cell.angle_gamma   90.00
#
_symmetry.space_group_name_H-M   'P 1'
#
loop_
_entity.id
_entity.type
_entity.pdbx_description
1 polymer 'Apolipoprotein N-acyltransferase'
2 non-polymer PHOSPHATIDYLETHANOLAMINE
#
_entity_poly.entity_id   1
_entity_poly.type   'polypeptide(L)'
_entity_poly.pdbx_seq_one_letter_code
;MGSSHHHHHHSSGLVPRGSHMAFASLIERQRIRLLLALLFGACGTLAFSPYDVWPAAIISLMGLQALTFNRRPLQSAAIG
FCWGFGLFGSGINWVYVSIATFGGMPGPVNIFLVVLLAAYLSLYTGLFAGVLSRLWPKTTWLRVAIAAPALWQVTEFLRG
WVLTGFPWLQFGYSQIDGPLKGLAPIMGVEAINFLLMMVSGLLALALVKRNWRPLVVAVVLFALPFPLRYIQWFTPQPEK
TIQVSMVQGDIPQSLKWDEGQLLNTLKIYYNATAPLMGKSSLIIWPESAITDLEINQQPFLKALDGELRDKGSSLVTGIV
DARLNKQNRYDTYNTIITLGKGAPYSYESADRYNKNHLVPFGEFVPLESILRPLAPFFDLPMSSFSRGPYIQPPLSANGI
ELTAAISYEIILGEQVRDNFRPDTDYLLTISNDAWFGKSIGPWQHFQMARMRALELARPLLRSTNNGITAVIGPQGEIQA
MIPQFTREVLTTNVTPTTGLTPYARTGNWPLWVLTALFGFAAVLMSLRQRRK
;
_entity_poly.pdbx_strand_id   A
#
loop_
_chem_comp.id
_chem_comp.type
_chem_comp.name
_chem_comp.formula
PTY non-polymer PHOSPHATIDYLETHANOLAMINE 'C40 H80 N O8 P'
#
# COMPACT_ATOMS: atom_id res chain seq x y z
N ALA A 22 36.27 11.64 -20.55
CA ALA A 22 36.69 10.26 -20.81
C ALA A 22 35.61 9.28 -20.33
N PHE A 23 34.36 9.72 -20.36
CA PHE A 23 33.26 8.88 -19.91
C PHE A 23 33.00 7.69 -20.84
N ALA A 24 33.59 7.67 -22.03
CA ALA A 24 33.38 6.56 -22.94
C ALA A 24 33.94 5.26 -22.37
N SER A 25 35.12 5.32 -21.75
CA SER A 25 35.72 4.15 -21.13
C SER A 25 35.45 4.05 -19.63
N LEU A 26 35.08 5.16 -18.99
CA LEU A 26 34.76 5.11 -17.56
C LEU A 26 33.49 4.31 -17.30
N ILE A 27 32.52 4.36 -18.21
CA ILE A 27 31.25 3.68 -17.98
C ILE A 27 31.41 2.17 -18.00
N GLU A 28 32.42 1.66 -18.71
CA GLU A 28 32.60 0.22 -18.81
C GLU A 28 33.12 -0.41 -17.53
N ARG A 29 33.68 0.38 -16.61
CA ARG A 29 34.19 -0.17 -15.37
C ARG A 29 33.04 -0.65 -14.49
N GLN A 30 33.24 -1.80 -13.84
CA GLN A 30 32.20 -2.40 -13.01
C GLN A 30 31.83 -1.51 -11.83
N ARG A 31 32.83 -0.96 -11.14
CA ARG A 31 32.59 -0.16 -9.95
C ARG A 31 31.79 1.09 -10.28
N ILE A 32 32.11 1.72 -11.42
CA ILE A 32 31.41 2.94 -11.81
C ILE A 32 29.93 2.69 -12.06
N ARG A 33 29.58 1.52 -12.62
CA ARG A 33 28.18 1.19 -12.82
C ARG A 33 27.47 0.83 -11.52
N LEU A 34 28.17 0.18 -10.59
CA LEU A 34 27.58 -0.11 -9.29
C LEU A 34 27.25 1.16 -8.54
N LEU A 35 28.17 2.13 -8.54
CA LEU A 35 27.90 3.40 -7.87
C LEU A 35 26.81 4.19 -8.59
N LEU A 36 26.77 4.10 -9.92
CA LEU A 36 25.68 4.74 -10.66
C LEU A 36 24.35 4.05 -10.41
N ALA A 37 24.37 2.76 -10.04
CA ALA A 37 23.13 2.08 -9.72
C ALA A 37 22.48 2.66 -8.47
N LEU A 38 23.29 2.99 -7.47
CA LEU A 38 22.75 3.60 -6.25
C LEU A 38 22.12 4.96 -6.55
N LEU A 39 22.79 5.78 -7.36
CA LEU A 39 22.25 7.10 -7.66
C LEU A 39 20.95 7.00 -8.45
N PHE A 40 20.90 6.13 -9.46
CA PHE A 40 19.65 5.90 -10.17
C PHE A 40 18.65 5.14 -9.31
N GLY A 41 19.13 4.28 -8.42
CA GLY A 41 18.23 3.64 -7.47
C GLY A 41 17.63 4.62 -6.49
N ALA A 42 18.43 5.55 -5.99
CA ALA A 42 17.92 6.55 -5.06
C ALA A 42 16.98 7.54 -5.74
N CYS A 43 17.16 7.75 -7.05
CA CYS A 43 16.24 8.63 -7.78
C CYS A 43 14.84 8.05 -7.86
N GLY A 44 14.67 6.76 -7.56
CA GLY A 44 13.35 6.17 -7.61
C GLY A 44 12.42 6.71 -6.55
N THR A 45 12.94 6.95 -5.34
CA THR A 45 12.10 7.40 -4.25
C THR A 45 11.56 8.81 -4.45
N LEU A 46 12.12 9.57 -5.40
CA LEU A 46 11.64 10.90 -5.68
C LEU A 46 10.40 10.91 -6.55
N ALA A 47 9.73 9.77 -6.70
CA ALA A 47 8.50 9.68 -7.48
C ALA A 47 7.27 9.43 -6.62
N PHE A 48 7.42 9.24 -5.32
CA PHE A 48 6.33 8.86 -4.45
C PHE A 48 5.75 10.09 -3.75
N SER A 49 4.89 9.86 -2.75
CA SER A 49 3.98 10.90 -2.28
C SER A 49 4.67 12.17 -1.78
N PRO A 50 5.71 12.13 -0.91
CA PRO A 50 6.26 13.39 -0.39
C PRO A 50 6.85 14.26 -1.48
N TYR A 51 7.80 13.71 -2.24
CA TYR A 51 8.34 14.37 -3.43
C TYR A 51 7.76 13.65 -4.63
N ASP A 52 6.77 14.26 -5.27
CA ASP A 52 5.92 13.59 -6.25
C ASP A 52 6.42 13.75 -7.68
N VAL A 53 7.72 13.79 -7.88
CA VAL A 53 8.27 13.93 -9.23
C VAL A 53 8.16 12.60 -9.95
N TRP A 54 7.08 12.41 -10.70
CA TRP A 54 6.86 11.17 -11.42
C TRP A 54 7.85 10.92 -12.55
N PRO A 55 8.48 11.94 -13.17
CA PRO A 55 9.56 11.64 -14.12
C PRO A 55 10.71 10.88 -13.48
N ALA A 56 10.94 11.06 -12.18
CA ALA A 56 12.02 10.35 -11.51
C ALA A 56 11.79 8.84 -11.48
N ALA A 57 10.56 8.39 -11.70
CA ALA A 57 10.30 6.96 -11.83
C ALA A 57 10.87 6.43 -13.14
N ILE A 58 10.71 7.17 -14.23
CA ILE A 58 11.23 6.74 -15.52
C ILE A 58 12.75 6.79 -15.55
N ILE A 59 13.33 7.84 -14.98
CA ILE A 59 14.78 7.98 -14.96
C ILE A 59 15.41 6.86 -14.13
N SER A 60 14.80 6.53 -13.00
CA SER A 60 15.33 5.46 -12.17
C SER A 60 15.26 4.11 -12.88
N LEU A 61 14.15 3.83 -13.56
CA LEU A 61 14.03 2.57 -14.28
C LEU A 61 14.96 2.50 -15.47
N MET A 62 15.26 3.65 -16.10
CA MET A 62 16.27 3.67 -17.16
C MET A 62 17.62 3.23 -16.62
N GLY A 63 17.98 3.68 -15.42
CA GLY A 63 19.25 3.27 -14.84
C GLY A 63 19.35 1.78 -14.59
N LEU A 64 18.24 1.15 -14.23
CA LEU A 64 18.26 -0.30 -14.01
C LEU A 64 18.54 -1.05 -15.29
N GLN A 65 17.97 -0.60 -16.41
CA GLN A 65 18.14 -1.30 -17.68
C GLN A 65 19.37 -0.85 -18.45
N ALA A 66 19.68 0.45 -18.44
CA ALA A 66 20.83 0.93 -19.19
C ALA A 66 22.14 0.46 -18.58
N LEU A 67 22.22 0.42 -17.24
CA LEU A 67 23.47 0.02 -16.60
C LEU A 67 23.73 -1.47 -16.69
N THR A 68 22.71 -2.28 -16.94
CA THR A 68 22.88 -3.72 -17.09
C THR A 68 23.13 -4.14 -18.54
N PHE A 69 23.22 -3.18 -19.45
CA PHE A 69 23.51 -3.51 -20.85
C PHE A 69 24.95 -3.99 -20.99
N ASN A 70 25.14 -4.96 -21.88
CA ASN A 70 26.47 -5.48 -22.22
C ASN A 70 27.23 -5.95 -20.99
N ARG A 71 26.52 -6.63 -20.09
CA ARG A 71 27.10 -7.17 -18.87
C ARG A 71 26.87 -8.68 -18.81
N ARG A 72 27.82 -9.38 -18.20
CA ARG A 72 27.67 -10.80 -17.97
C ARG A 72 26.53 -11.04 -16.98
N PRO A 73 25.91 -12.23 -17.02
CA PRO A 73 24.74 -12.46 -16.16
C PRO A 73 25.00 -12.28 -14.68
N LEU A 74 26.18 -12.66 -14.20
CA LEU A 74 26.49 -12.51 -12.77
C LEU A 74 26.91 -11.09 -12.42
N GLN A 75 27.28 -10.28 -13.41
CA GLN A 75 27.60 -8.88 -13.14
C GLN A 75 26.36 -8.00 -13.12
N SER A 76 25.37 -8.33 -13.94
CA SER A 76 24.12 -7.57 -13.93
C SER A 76 23.36 -7.75 -12.62
N ALA A 77 23.45 -8.94 -12.01
CA ALA A 77 22.78 -9.16 -10.74
C ALA A 77 23.33 -8.23 -9.66
N ALA A 78 24.65 -8.02 -9.64
CA ALA A 78 25.22 -7.08 -8.69
C ALA A 78 24.74 -5.66 -8.97
N ILE A 79 24.65 -5.28 -10.24
CA ILE A 79 24.12 -3.96 -10.58
C ILE A 79 22.67 -3.85 -10.17
N GLY A 80 21.88 -4.90 -10.44
CA GLY A 80 20.48 -4.88 -10.04
C GLY A 80 20.32 -4.85 -8.54
N PHE A 81 21.18 -5.56 -7.82
CA PHE A 81 21.14 -5.51 -6.35
C PHE A 81 21.44 -4.12 -5.83
N CYS A 82 22.45 -3.45 -6.41
CA CYS A 82 22.79 -2.10 -5.98
C CYS A 82 21.68 -1.12 -6.32
N TRP A 83 21.05 -1.28 -7.48
CA TRP A 83 19.90 -0.44 -7.81
C TRP A 83 18.77 -0.65 -6.82
N GLY A 84 18.51 -1.90 -6.45
CA GLY A 84 17.51 -2.16 -5.42
C GLY A 84 17.92 -1.62 -4.07
N PHE A 85 19.18 -1.82 -3.68
CA PHE A 85 19.65 -1.28 -2.41
C PHE A 85 19.65 0.24 -2.44
N GLY A 86 19.82 0.84 -3.62
CA GLY A 86 19.73 2.28 -3.72
C GLY A 86 18.32 2.80 -3.64
N LEU A 87 17.32 1.96 -3.87
CA LEU A 87 15.92 2.34 -3.81
C LEU A 87 15.25 1.96 -2.50
N PHE A 88 15.57 0.78 -1.96
CA PHE A 88 14.93 0.29 -0.75
C PHE A 88 15.70 0.64 0.52
N GLY A 89 16.84 1.31 0.41
CA GLY A 89 17.54 1.80 1.58
C GLY A 89 17.57 3.31 1.57
N SER A 90 17.02 3.89 0.52
CA SER A 90 16.98 5.32 0.27
C SER A 90 15.58 5.73 -0.15
N GLY A 91 14.59 5.39 0.68
CA GLY A 91 13.20 5.48 0.30
C GLY A 91 12.35 4.44 0.99
N ILE A 92 12.98 3.44 1.59
CA ILE A 92 12.41 2.68 2.70
C ILE A 92 13.45 2.73 3.81
N ASN A 93 13.41 3.79 4.60
CA ASN A 93 14.26 3.91 5.78
C ASN A 93 13.51 4.49 6.96
N TRP A 94 12.23 4.84 6.80
CA TRP A 94 11.40 5.22 7.94
C TRP A 94 11.14 4.04 8.87
N VAL A 95 11.41 2.82 8.42
CA VAL A 95 11.36 1.67 9.32
C VAL A 95 12.35 1.86 10.46
N TYR A 96 13.44 2.59 10.21
CA TYR A 96 14.38 2.91 11.28
C TYR A 96 13.73 3.71 12.39
N VAL A 97 12.78 4.58 12.06
CA VAL A 97 12.09 5.36 13.08
C VAL A 97 11.30 4.43 14.00
N SER A 98 10.60 3.45 13.43
CA SER A 98 9.86 2.50 14.24
C SER A 98 10.76 1.61 15.07
N ILE A 99 12.04 1.49 14.70
CA ILE A 99 12.99 0.65 15.41
C ILE A 99 13.78 1.43 16.44
N ALA A 100 14.20 2.65 16.09
CA ALA A 100 15.03 3.45 16.98
C ALA A 100 14.25 4.21 18.03
N THR A 101 12.91 4.26 17.94
CA THR A 101 12.10 5.01 18.88
C THR A 101 11.14 4.17 19.70
N PHE A 102 10.85 2.94 19.30
CA PHE A 102 9.95 2.08 20.05
C PHE A 102 10.56 0.75 20.46
N GLY A 103 11.53 0.23 19.71
CA GLY A 103 12.24 -0.98 20.08
C GLY A 103 13.54 -0.65 20.78
N GLY A 104 13.77 -1.31 21.91
CA GLY A 104 14.97 -1.06 22.67
C GLY A 104 16.12 -1.93 22.22
N MET A 105 16.98 -1.37 21.37
CA MET A 105 18.12 -2.09 20.83
C MET A 105 19.25 -1.09 20.61
N PRO A 106 20.50 -1.55 20.56
CA PRO A 106 21.60 -0.64 20.26
C PRO A 106 21.46 -0.05 18.87
N GLY A 107 22.03 1.15 18.69
CA GLY A 107 21.95 1.88 17.44
C GLY A 107 22.45 1.11 16.24
N PRO A 108 23.63 0.48 16.34
CA PRO A 108 24.09 -0.39 15.24
C PRO A 108 23.11 -1.51 14.92
N VAL A 109 22.43 -2.07 15.91
CA VAL A 109 21.46 -3.12 15.63
C VAL A 109 20.26 -2.56 14.87
N ASN A 110 19.85 -1.33 15.21
CA ASN A 110 18.75 -0.69 14.48
C ASN A 110 19.13 -0.47 13.02
N ILE A 111 20.36 -0.01 12.76
CA ILE A 111 20.80 0.21 11.40
C ILE A 111 20.89 -1.12 10.65
N PHE A 112 21.34 -2.17 11.33
CA PHE A 112 21.54 -3.46 10.67
C PHE A 112 20.22 -4.02 10.14
N LEU A 113 19.14 -3.90 10.92
CA LEU A 113 17.85 -4.42 10.48
C LEU A 113 17.35 -3.66 9.24
N VAL A 114 17.51 -2.34 9.23
CA VAL A 114 17.10 -1.57 8.07
C VAL A 114 17.94 -1.94 6.85
N VAL A 115 19.25 -2.09 7.04
CA VAL A 115 20.12 -2.51 5.94
C VAL A 115 19.75 -3.90 5.47
N LEU A 116 19.47 -4.81 6.42
CA LEU A 116 19.06 -6.16 6.05
C LEU A 116 17.75 -6.14 5.26
N LEU A 117 16.80 -5.30 5.67
CA LEU A 117 15.54 -5.19 4.94
C LEU A 117 15.77 -4.67 3.53
N ALA A 118 16.62 -3.66 3.38
CA ALA A 118 16.93 -3.15 2.05
C ALA A 118 17.71 -4.19 1.24
N ALA A 119 18.60 -4.94 1.88
CA ALA A 119 19.32 -5.99 1.19
C ALA A 119 18.39 -7.10 0.74
N TYR A 120 17.44 -7.50 1.60
CA TYR A 120 16.52 -8.56 1.24
C TYR A 120 15.63 -8.16 0.08
N LEU A 121 15.05 -6.96 0.14
CA LEU A 121 14.21 -6.50 -0.95
C LEU A 121 14.99 -6.30 -2.25
N SER A 122 16.30 -6.10 -2.16
CA SER A 122 17.12 -5.92 -3.35
C SER A 122 17.40 -7.25 -4.06
N LEU A 123 17.22 -8.37 -3.38
CA LEU A 123 17.46 -9.66 -4.02
C LEU A 123 16.51 -9.87 -5.20
N TYR A 124 15.24 -9.49 -5.04
CA TYR A 124 14.27 -9.64 -6.11
C TYR A 124 14.54 -8.69 -7.27
N THR A 125 15.36 -7.66 -7.06
CA THR A 125 15.84 -6.84 -8.15
C THR A 125 17.14 -7.37 -8.73
N GLY A 126 18.02 -7.89 -7.88
CA GLY A 126 19.20 -8.58 -8.37
C GLY A 126 18.85 -9.85 -9.11
N LEU A 127 17.80 -10.55 -8.67
CA LEU A 127 17.30 -11.70 -9.41
C LEU A 127 16.76 -11.29 -10.77
N PHE A 128 16.10 -10.13 -10.84
CA PHE A 128 15.56 -9.66 -12.12
C PHE A 128 16.68 -9.41 -13.11
N ALA A 129 17.70 -8.65 -12.71
CA ALA A 129 18.78 -8.30 -13.63
C ALA A 129 19.62 -9.52 -13.99
N GLY A 130 19.84 -10.42 -13.04
CA GLY A 130 20.64 -11.60 -13.33
C GLY A 130 20.00 -12.51 -14.36
N VAL A 131 18.70 -12.77 -14.19
CA VAL A 131 18.00 -13.61 -15.15
C VAL A 131 17.85 -12.89 -16.49
N LEU A 132 17.63 -11.57 -16.45
CA LEU A 132 17.43 -10.82 -17.69
C LEU A 132 18.67 -10.86 -18.56
N SER A 133 19.85 -10.75 -17.97
CA SER A 133 21.10 -10.79 -18.71
C SER A 133 21.63 -12.19 -18.93
N ARG A 134 20.96 -13.22 -18.39
CA ARG A 134 21.36 -14.59 -18.65
C ARG A 134 20.64 -15.16 -19.87
N LEU A 135 19.34 -14.88 -20.00
CA LEU A 135 18.57 -15.40 -21.13
C LEU A 135 18.60 -14.47 -22.34
N TRP A 136 18.75 -13.16 -22.12
CA TRP A 136 18.79 -12.18 -23.20
C TRP A 136 20.06 -11.34 -23.03
N PRO A 137 21.20 -11.87 -23.44
CA PRO A 137 22.47 -11.16 -23.21
C PRO A 137 22.58 -9.86 -23.99
N LYS A 138 22.34 -9.92 -25.30
CA LYS A 138 22.51 -8.73 -26.13
C LYS A 138 21.40 -7.72 -25.88
N THR A 139 21.70 -6.45 -26.13
CA THR A 139 20.76 -5.36 -25.91
C THR A 139 19.94 -5.14 -27.16
N THR A 140 18.64 -5.38 -27.06
CA THR A 140 17.73 -5.19 -28.18
C THR A 140 16.34 -4.88 -27.63
N TRP A 141 15.40 -4.64 -28.54
CA TRP A 141 14.04 -4.32 -28.12
C TRP A 141 13.38 -5.51 -27.43
N LEU A 142 13.80 -6.74 -27.76
CA LEU A 142 13.24 -7.91 -27.10
C LEU A 142 13.60 -7.94 -25.62
N ARG A 143 14.85 -7.57 -25.28
CA ARG A 143 15.30 -7.63 -23.90
C ARG A 143 14.59 -6.59 -23.03
N VAL A 144 14.33 -5.41 -23.58
CA VAL A 144 13.90 -4.27 -22.76
C VAL A 144 12.38 -4.12 -22.78
N ALA A 145 11.75 -4.50 -23.89
CA ALA A 145 10.32 -4.24 -24.07
C ALA A 145 9.44 -5.47 -23.95
N ILE A 146 9.98 -6.68 -24.12
CA ILE A 146 9.17 -7.89 -24.06
C ILE A 146 9.69 -8.80 -22.95
N ALA A 147 10.99 -8.73 -22.68
CA ALA A 147 11.57 -9.58 -21.65
C ALA A 147 11.59 -8.90 -20.29
N ALA A 148 12.05 -7.66 -20.23
CA ALA A 148 12.10 -6.94 -18.96
C ALA A 148 10.72 -6.72 -18.34
N PRO A 149 9.71 -6.23 -19.05
CA PRO A 149 8.40 -6.06 -18.39
C PRO A 149 7.81 -7.37 -17.88
N ALA A 150 8.01 -8.47 -18.60
CA ALA A 150 7.49 -9.75 -18.14
C ALA A 150 8.27 -10.25 -16.92
N LEU A 151 9.59 -10.12 -16.94
CA LEU A 151 10.39 -10.57 -15.81
C LEU A 151 10.28 -9.62 -14.63
N TRP A 152 10.02 -8.34 -14.89
CA TRP A 152 9.78 -7.41 -13.80
C TRP A 152 8.50 -7.74 -13.05
N GLN A 153 7.47 -8.17 -13.76
CA GLN A 153 6.23 -8.58 -13.11
C GLN A 153 6.45 -9.80 -12.23
N VAL A 154 7.20 -10.78 -12.71
CA VAL A 154 7.44 -12.00 -11.94
C VAL A 154 8.25 -11.70 -10.68
N THR A 155 9.31 -10.89 -10.81
CA THR A 155 10.14 -10.60 -9.65
C THR A 155 9.44 -9.69 -8.66
N GLU A 156 8.67 -8.72 -9.15
CA GLU A 156 7.86 -7.90 -8.25
C GLU A 156 6.81 -8.73 -7.54
N PHE A 157 6.20 -9.69 -8.25
CA PHE A 157 5.24 -10.59 -7.61
C PHE A 157 5.90 -11.41 -6.52
N LEU A 158 7.10 -11.93 -6.78
CA LEU A 158 7.80 -12.73 -5.77
C LEU A 158 8.11 -11.89 -4.53
N ARG A 159 8.53 -10.64 -4.72
CA ARG A 159 8.79 -9.77 -3.58
C ARG A 159 7.53 -9.52 -2.78
N GLY A 160 6.37 -9.51 -3.43
CA GLY A 160 5.09 -9.35 -2.79
C GLY A 160 4.38 -10.64 -2.43
N TRP A 161 5.06 -11.79 -2.55
CA TRP A 161 4.42 -13.06 -2.23
C TRP A 161 5.26 -13.90 -1.28
N VAL A 162 6.59 -13.75 -1.34
CA VAL A 162 7.48 -14.55 -0.51
C VAL A 162 7.54 -13.97 0.89
N LEU A 163 7.42 -14.84 1.90
CA LEU A 163 7.46 -14.44 3.31
C LEU A 163 6.40 -13.39 3.61
N THR A 164 5.17 -13.68 3.17
CA THR A 164 3.99 -12.82 3.25
C THR A 164 4.13 -11.57 2.38
N GLY A 165 5.26 -11.38 1.71
CA GLY A 165 5.41 -10.29 0.77
C GLY A 165 5.64 -8.95 1.42
N PHE A 166 6.08 -8.01 0.59
CA PHE A 166 6.25 -6.61 0.98
C PHE A 166 6.24 -5.75 -0.28
N PRO A 167 5.09 -5.60 -0.95
CA PRO A 167 5.03 -4.90 -2.23
C PRO A 167 5.10 -3.38 -2.10
N TRP A 168 6.14 -2.89 -1.44
CA TRP A 168 6.32 -1.46 -1.25
C TRP A 168 7.21 -0.89 -2.35
N LEU A 169 7.02 0.40 -2.63
CA LEU A 169 7.79 1.13 -3.64
C LEU A 169 7.65 0.47 -5.03
N GLN A 170 6.41 0.43 -5.50
CA GLN A 170 6.12 0.04 -6.88
C GLN A 170 5.83 1.29 -7.69
N PHE A 171 6.54 1.45 -8.80
CA PHE A 171 6.45 2.69 -9.56
C PHE A 171 5.08 2.94 -10.18
N GLY A 172 4.21 1.92 -10.21
CA GLY A 172 2.86 2.15 -10.65
C GLY A 172 2.09 3.10 -9.76
N TYR A 173 2.38 3.08 -8.46
CA TYR A 173 1.71 3.99 -7.54
C TYR A 173 2.16 5.43 -7.76
N SER A 174 3.35 5.64 -8.30
CA SER A 174 3.84 6.99 -8.54
C SER A 174 2.99 7.72 -9.57
N GLN A 175 2.32 6.99 -10.46
CA GLN A 175 1.46 7.60 -11.47
C GLN A 175 0.02 7.73 -10.97
N ILE A 176 -0.13 8.30 -9.78
CA ILE A 176 -1.48 8.56 -9.28
C ILE A 176 -2.01 9.87 -9.84
N ASP A 177 -1.12 10.84 -10.08
CA ASP A 177 -1.43 12.07 -10.81
C ASP A 177 -0.40 12.18 -11.93
N GLY A 178 -0.68 11.53 -13.05
CA GLY A 178 0.25 11.49 -14.16
C GLY A 178 -0.41 11.02 -15.44
N PRO A 179 0.37 10.96 -16.52
CA PRO A 179 -0.21 10.50 -17.80
C PRO A 179 -0.77 9.09 -17.73
N LEU A 180 -0.14 8.20 -16.98
CA LEU A 180 -0.61 6.82 -16.85
C LEU A 180 -1.55 6.66 -15.66
N LYS A 181 -2.57 7.50 -15.63
CA LYS A 181 -3.55 7.46 -14.53
C LYS A 181 -4.76 6.61 -14.89
N GLY A 182 -5.24 6.70 -16.13
CA GLY A 182 -6.40 5.94 -16.55
C GLY A 182 -6.14 4.48 -16.82
N LEU A 183 -4.89 4.05 -16.80
CA LEU A 183 -4.58 2.64 -17.00
C LEU A 183 -4.91 1.80 -15.77
N ALA A 184 -4.81 2.39 -14.57
CA ALA A 184 -5.11 1.65 -13.35
C ALA A 184 -6.56 1.16 -13.28
N PRO A 185 -7.58 1.96 -13.60
CA PRO A 185 -8.95 1.43 -13.56
C PRO A 185 -9.19 0.28 -14.54
N ILE A 186 -8.37 0.13 -15.56
CA ILE A 186 -8.62 -0.88 -16.59
C ILE A 186 -7.90 -2.18 -16.29
N MET A 187 -6.62 -2.11 -15.94
CA MET A 187 -5.83 -3.32 -15.71
C MET A 187 -5.14 -3.37 -14.36
N GLY A 188 -5.31 -2.36 -13.51
CA GLY A 188 -4.73 -2.37 -12.19
C GLY A 188 -3.45 -1.56 -12.11
N VAL A 189 -2.94 -1.44 -10.88
CA VAL A 189 -1.69 -0.70 -10.67
C VAL A 189 -0.52 -1.45 -11.27
N GLU A 190 -0.54 -2.79 -11.21
CA GLU A 190 0.58 -3.56 -11.73
C GLU A 190 0.74 -3.42 -13.23
N ALA A 191 -0.30 -2.97 -13.94
CA ALA A 191 -0.15 -2.67 -15.36
C ALA A 191 0.68 -1.41 -15.57
N ILE A 192 0.58 -0.45 -14.65
CA ILE A 192 1.44 0.74 -14.74
C ILE A 192 2.89 0.37 -14.48
N ASN A 193 3.13 -0.57 -13.55
CA ASN A 193 4.47 -1.10 -13.39
C ASN A 193 4.95 -1.77 -14.67
N PHE A 194 4.05 -2.51 -15.33
CA PHE A 194 4.40 -3.17 -16.59
C PHE A 194 4.74 -2.14 -17.66
N LEU A 195 3.97 -1.07 -17.76
CA LEU A 195 4.16 -0.09 -18.82
C LEU A 195 5.36 0.82 -18.55
N LEU A 196 5.59 1.18 -17.29
CA LEU A 196 6.74 2.02 -16.98
C LEU A 196 8.05 1.31 -17.29
N MET A 197 8.14 0.02 -16.98
CA MET A 197 9.34 -0.72 -17.32
C MET A 197 9.52 -0.84 -18.83
N MET A 198 8.43 -1.03 -19.57
CA MET A 198 8.53 -1.13 -21.01
C MET A 198 8.94 0.20 -21.63
N VAL A 199 8.34 1.31 -21.17
CA VAL A 199 8.69 2.62 -21.71
C VAL A 199 10.12 2.99 -21.35
N SER A 200 10.52 2.74 -20.09
CA SER A 200 11.86 3.09 -19.66
C SER A 200 12.91 2.27 -20.41
N GLY A 201 12.63 0.99 -20.64
CA GLY A 201 13.58 0.17 -21.37
C GLY A 201 13.80 0.65 -22.78
N LEU A 202 12.72 0.94 -23.50
CA LEU A 202 12.85 1.50 -24.85
C LEU A 202 13.49 2.88 -24.81
N LEU A 203 13.30 3.62 -23.73
CA LEU A 203 13.95 4.92 -23.59
C LEU A 203 15.45 4.77 -23.36
N ALA A 204 15.84 3.79 -22.54
CA ALA A 204 17.27 3.56 -22.31
C ALA A 204 17.93 2.92 -23.52
N LEU A 205 17.18 2.10 -24.28
CA LEU A 205 17.72 1.51 -25.49
C LEU A 205 18.06 2.58 -26.53
N ALA A 206 17.19 3.58 -26.66
CA ALA A 206 17.44 4.67 -27.60
C ALA A 206 18.63 5.52 -27.20
N LEU A 207 18.99 5.53 -25.91
CA LEU A 207 20.12 6.32 -25.45
C LEU A 207 21.44 5.57 -25.57
N VAL A 208 21.46 4.29 -25.21
CA VAL A 208 22.70 3.52 -25.28
C VAL A 208 23.09 3.25 -26.72
N LYS A 209 22.12 2.89 -27.56
CA LYS A 209 22.38 2.61 -28.97
C LYS A 209 22.35 3.87 -29.83
N ARG A 210 22.04 5.02 -29.25
CA ARG A 210 21.97 6.29 -29.98
C ARG A 210 21.00 6.22 -31.14
N ASN A 211 19.92 5.44 -30.99
CA ASN A 211 18.89 5.28 -32.00
C ASN A 211 17.68 6.14 -31.66
N TRP A 212 16.85 6.40 -32.67
CA TRP A 212 15.65 7.20 -32.48
C TRP A 212 14.36 6.42 -32.65
N ARG A 213 14.38 5.27 -33.32
CA ARG A 213 13.17 4.47 -33.46
C ARG A 213 12.63 3.98 -32.11
N PRO A 214 13.43 3.42 -31.20
CA PRO A 214 12.87 3.06 -29.89
C PRO A 214 12.40 4.28 -29.10
N LEU A 215 12.98 5.46 -29.34
CA LEU A 215 12.50 6.66 -28.66
C LEU A 215 11.07 6.98 -29.05
N VAL A 216 10.74 6.86 -30.33
CA VAL A 216 9.38 7.13 -30.78
C VAL A 216 8.40 6.12 -30.18
N VAL A 217 8.79 4.84 -30.16
CA VAL A 217 7.93 3.83 -29.57
C VAL A 217 7.76 4.07 -28.07
N ALA A 218 8.82 4.51 -27.40
CA ALA A 218 8.75 4.80 -25.98
C ALA A 218 7.87 6.01 -25.67
N VAL A 219 7.54 6.82 -26.67
CA VAL A 219 6.63 7.94 -26.46
C VAL A 219 5.19 7.56 -26.81
N VAL A 220 5.00 6.78 -27.88
CA VAL A 220 3.66 6.35 -28.26
C VAL A 220 3.04 5.49 -27.16
N LEU A 221 3.83 4.54 -26.62
CA LEU A 221 3.33 3.70 -25.54
C LEU A 221 3.02 4.50 -24.28
N PHE A 222 3.60 5.68 -24.12
CA PHE A 222 3.37 6.51 -22.95
C PHE A 222 2.27 7.53 -23.17
N ALA A 223 1.89 7.81 -24.42
CA ALA A 223 0.85 8.77 -24.72
C ALA A 223 -0.50 8.13 -25.03
N LEU A 224 -0.52 6.88 -25.47
CA LEU A 224 -1.79 6.20 -25.71
C LEU A 224 -2.64 6.06 -24.46
N PRO A 225 -2.11 5.70 -23.28
CA PRO A 225 -2.97 5.64 -22.09
C PRO A 225 -3.40 6.99 -21.55
N PHE A 226 -2.88 8.10 -22.09
CA PHE A 226 -3.26 9.41 -21.56
C PHE A 226 -4.74 9.72 -21.73
N PRO A 227 -5.37 9.51 -22.89
CA PRO A 227 -6.83 9.73 -22.97
C PRO A 227 -7.64 8.83 -22.05
N LEU A 228 -7.07 7.71 -21.60
CA LEU A 228 -7.80 6.81 -20.71
C LEU A 228 -8.10 7.45 -19.35
N ARG A 229 -7.38 8.51 -18.98
CA ARG A 229 -7.62 9.16 -17.70
C ARG A 229 -8.87 10.05 -17.70
N TYR A 230 -9.46 10.29 -18.87
CA TYR A 230 -10.68 11.07 -18.97
C TYR A 230 -11.93 10.20 -19.04
N ILE A 231 -11.79 8.89 -18.89
CA ILE A 231 -12.91 7.96 -18.93
C ILE A 231 -13.35 7.68 -17.50
N GLN A 232 -14.62 7.90 -17.21
CA GLN A 232 -15.17 7.68 -15.88
C GLN A 232 -15.97 6.38 -15.90
N TRP A 233 -15.57 5.42 -15.07
CA TRP A 233 -16.23 4.14 -14.96
C TRP A 233 -17.29 4.12 -13.87
N PHE A 234 -17.49 5.23 -13.17
CA PHE A 234 -18.42 5.31 -12.06
C PHE A 234 -19.49 6.35 -12.35
N THR A 235 -20.68 6.10 -11.84
CA THR A 235 -21.77 7.07 -11.92
C THR A 235 -22.05 7.61 -10.52
N PRO A 236 -21.71 8.86 -10.23
CA PRO A 236 -21.95 9.39 -8.88
C PRO A 236 -23.43 9.46 -8.55
N GLN A 237 -23.73 9.32 -7.26
CA GLN A 237 -25.10 9.33 -6.76
C GLN A 237 -25.27 10.48 -5.78
N PRO A 238 -25.68 11.66 -6.26
CA PRO A 238 -25.95 12.80 -5.37
C PRO A 238 -27.28 12.68 -4.63
N GLU A 239 -27.54 11.49 -4.08
CA GLU A 239 -28.76 11.23 -3.31
C GLU A 239 -28.39 10.66 -1.95
N LYS A 240 -27.34 9.85 -1.92
CA LYS A 240 -26.84 9.24 -0.68
C LYS A 240 -25.71 10.06 -0.07
N THR A 241 -25.73 11.37 -0.25
CA THR A 241 -24.63 12.22 0.19
C THR A 241 -24.62 12.33 1.71
N ILE A 242 -23.84 11.47 2.36
CA ILE A 242 -23.71 11.47 3.81
C ILE A 242 -22.68 12.52 4.21
N GLN A 243 -22.60 12.81 5.50
CA GLN A 243 -21.60 13.72 6.05
C GLN A 243 -20.67 12.89 6.93
N VAL A 244 -19.65 12.31 6.31
CA VAL A 244 -18.69 11.50 7.06
C VAL A 244 -17.79 12.43 7.88
N SER A 245 -17.31 11.92 9.01
CA SER A 245 -16.44 12.71 9.87
C SER A 245 -15.48 11.76 10.59
N MET A 246 -14.25 11.67 10.09
CA MET A 246 -13.23 10.87 10.73
C MET A 246 -12.58 11.64 11.87
N VAL A 247 -12.51 11.02 13.04
CA VAL A 247 -11.94 11.65 14.23
C VAL A 247 -10.49 11.22 14.33
N GLN A 248 -9.58 12.17 14.20
CA GLN A 248 -8.15 11.92 14.33
C GLN A 248 -7.76 12.18 15.78
N GLY A 249 -7.58 11.11 16.55
CA GLY A 249 -7.33 11.26 17.97
C GLY A 249 -5.95 11.78 18.32
N ASP A 250 -4.98 11.58 17.42
CA ASP A 250 -3.59 12.00 17.66
C ASP A 250 -3.05 11.42 18.96
N ILE A 251 -3.41 10.18 19.24
CA ILE A 251 -2.93 9.51 20.45
C ILE A 251 -1.45 9.18 20.28
N PRO A 252 -0.59 9.55 21.22
CA PRO A 252 0.83 9.18 21.11
C PRO A 252 1.00 7.68 21.07
N GLN A 253 1.93 7.22 20.22
CA GLN A 253 2.15 5.78 20.08
C GLN A 253 2.81 5.17 21.29
N SER A 254 3.70 5.90 21.97
CA SER A 254 4.36 5.39 23.17
C SER A 254 3.42 5.26 24.35
N LEU A 255 2.21 5.83 24.26
CA LEU A 255 1.22 5.74 25.33
C LEU A 255 -0.08 5.09 24.90
N LYS A 256 -0.23 4.69 23.64
CA LYS A 256 -1.51 4.23 23.11
C LYS A 256 -2.02 2.99 23.84
N TRP A 257 -1.15 2.01 24.07
CA TRP A 257 -1.57 0.73 24.64
C TRP A 257 -1.37 0.65 26.14
N ASP A 258 -0.98 1.75 26.79
CA ASP A 258 -0.81 1.74 28.23
C ASP A 258 -2.16 1.64 28.94
N GLU A 259 -2.14 1.06 30.14
CA GLU A 259 -3.37 0.89 30.91
C GLU A 259 -3.94 2.22 31.34
N GLY A 260 -3.09 3.16 31.74
CA GLY A 260 -3.56 4.45 32.20
C GLY A 260 -4.09 5.37 31.12
N GLN A 261 -3.83 5.04 29.86
CA GLN A 261 -4.32 5.85 28.75
C GLN A 261 -5.67 5.36 28.22
N LEU A 262 -6.09 4.15 28.59
CA LEU A 262 -7.34 3.60 28.07
C LEU A 262 -8.53 4.48 28.41
N LEU A 263 -8.61 4.93 29.67
CA LEU A 263 -9.70 5.83 30.05
C LEU A 263 -9.57 7.19 29.37
N ASN A 264 -8.34 7.66 29.17
CA ASN A 264 -8.15 8.97 28.54
C ASN A 264 -8.47 8.93 27.05
N THR A 265 -8.02 7.89 26.35
CA THR A 265 -8.24 7.84 24.90
C THR A 265 -9.71 7.66 24.56
N LEU A 266 -10.46 6.94 25.40
CA LEU A 266 -11.90 6.81 25.17
C LEU A 266 -12.59 8.16 25.36
N LYS A 267 -12.14 8.96 26.32
CA LYS A 267 -12.73 10.27 26.54
C LYS A 267 -12.42 11.22 25.39
N ILE A 268 -11.22 11.09 24.80
CA ILE A 268 -10.85 11.97 23.70
C ILE A 268 -11.74 11.70 22.48
N TYR A 269 -11.95 10.43 22.15
CA TYR A 269 -12.76 10.10 20.99
C TYR A 269 -14.24 10.37 21.24
N TYR A 270 -14.73 10.03 22.43
CA TYR A 270 -16.15 10.22 22.73
C TYR A 270 -16.53 11.70 22.73
N ASN A 271 -15.66 12.56 23.30
CA ASN A 271 -15.98 13.98 23.36
C ASN A 271 -16.04 14.60 21.97
N ALA A 272 -15.14 14.18 21.08
CA ALA A 272 -15.18 14.69 19.71
C ALA A 272 -16.34 14.12 18.92
N THR A 273 -16.79 12.92 19.28
CA THR A 273 -17.89 12.28 18.55
C THR A 273 -19.25 12.87 18.91
N ALA A 274 -19.41 13.36 20.14
CA ALA A 274 -20.73 13.82 20.58
C ALA A 274 -21.29 14.95 19.73
N PRO A 275 -20.55 16.01 19.39
CA PRO A 275 -21.12 17.02 18.49
C PRO A 275 -21.44 16.47 17.11
N LEU A 276 -20.74 15.42 16.67
CA LEU A 276 -20.98 14.87 15.34
C LEU A 276 -22.28 14.06 15.29
N MET A 277 -22.72 13.51 16.43
CA MET A 277 -23.93 12.70 16.45
C MET A 277 -25.14 13.55 16.07
N GLY A 278 -25.99 12.98 15.21
CA GLY A 278 -27.16 13.67 14.73
C GLY A 278 -26.94 14.49 13.47
N LYS A 279 -25.69 14.78 13.12
CA LYS A 279 -25.37 15.50 11.91
C LYS A 279 -24.43 14.75 10.98
N SER A 280 -23.65 13.80 11.49
CA SER A 280 -22.77 12.98 10.68
C SER A 280 -23.36 11.57 10.58
N SER A 281 -23.75 11.17 9.37
CA SER A 281 -24.33 9.85 9.20
C SER A 281 -23.33 8.75 9.54
N LEU A 282 -22.08 8.92 9.13
CA LEU A 282 -21.03 7.95 9.37
C LEU A 282 -19.87 8.61 10.09
N ILE A 283 -19.46 8.02 11.21
CA ILE A 283 -18.33 8.51 12.00
C ILE A 283 -17.30 7.38 12.08
N ILE A 284 -16.05 7.70 11.78
CA ILE A 284 -14.99 6.70 11.66
C ILE A 284 -13.87 7.03 12.64
N TRP A 285 -13.41 6.03 13.36
CA TRP A 285 -12.29 6.15 14.28
C TRP A 285 -11.08 5.40 13.73
N PRO A 286 -9.87 5.78 14.14
CA PRO A 286 -8.67 5.16 13.58
C PRO A 286 -8.55 3.69 13.98
N GLU A 287 -7.53 3.05 13.41
CA GLU A 287 -7.26 1.65 13.72
C GLU A 287 -6.92 1.47 15.18
N SER A 288 -7.51 0.46 15.80
CA SER A 288 -7.32 0.18 17.22
C SER A 288 -7.59 1.42 18.07
N ALA A 289 -8.67 2.12 17.73
CA ALA A 289 -9.04 3.31 18.49
C ALA A 289 -9.36 2.95 19.94
N ILE A 290 -10.08 1.86 20.15
CA ILE A 290 -10.34 1.35 21.49
C ILE A 290 -9.28 0.29 21.76
N THR A 291 -8.26 0.68 22.53
CA THR A 291 -7.09 -0.17 22.72
C THR A 291 -7.36 -1.39 23.60
N ASP A 292 -8.51 -1.46 24.25
CA ASP A 292 -8.84 -2.60 25.10
C ASP A 292 -9.59 -3.66 24.30
N LEU A 293 -9.64 -4.86 24.87
CA LEU A 293 -10.38 -5.94 24.24
C LEU A 293 -11.86 -5.62 24.16
N GLU A 294 -12.50 -6.06 23.07
CA GLU A 294 -13.90 -5.74 22.86
C GLU A 294 -14.78 -6.35 23.95
N ILE A 295 -14.44 -7.55 24.41
CA ILE A 295 -15.22 -8.19 25.47
C ILE A 295 -15.11 -7.39 26.76
N ASN A 296 -13.94 -6.80 27.03
CA ASN A 296 -13.77 -5.99 28.23
C ASN A 296 -14.58 -4.71 28.15
N GLN A 297 -14.51 -4.00 27.03
CA GLN A 297 -15.24 -2.74 26.85
C GLN A 297 -16.62 -2.98 26.28
N GLN A 298 -17.39 -3.84 26.93
CA GLN A 298 -18.74 -4.16 26.47
C GLN A 298 -19.75 -3.09 26.90
N PRO A 299 -19.83 -2.72 28.19
CA PRO A 299 -20.84 -1.71 28.56
C PRO A 299 -20.64 -0.36 27.89
N PHE A 300 -19.39 0.04 27.63
CA PHE A 300 -19.16 1.30 26.93
C PHE A 300 -19.71 1.28 25.52
N LEU A 301 -19.51 0.17 24.81
CA LEU A 301 -20.02 0.07 23.44
C LEU A 301 -21.54 0.02 23.40
N LYS A 302 -22.15 -0.73 24.31
CA LYS A 302 -23.60 -0.82 24.34
C LYS A 302 -24.24 0.53 24.67
N ALA A 303 -23.67 1.24 25.64
CA ALA A 303 -24.16 2.58 25.97
C ALA A 303 -23.94 3.54 24.81
N LEU A 304 -22.78 3.45 24.16
CA LEU A 304 -22.49 4.31 23.02
C LEU A 304 -23.39 3.96 21.83
N ASP A 305 -23.72 2.69 21.65
CA ASP A 305 -24.57 2.28 20.54
C ASP A 305 -25.96 2.90 20.65
N GLY A 306 -26.53 2.92 21.86
CA GLY A 306 -27.86 3.49 22.03
C GLY A 306 -27.88 4.98 21.75
N GLU A 307 -26.86 5.71 22.20
CA GLU A 307 -26.80 7.14 21.96
C GLU A 307 -26.66 7.44 20.46
N LEU A 308 -25.84 6.68 19.76
CA LEU A 308 -25.67 6.89 18.33
C LEU A 308 -26.97 6.60 17.57
N ARG A 309 -27.65 5.52 17.93
CA ARG A 309 -28.87 5.15 17.22
C ARG A 309 -29.98 6.17 17.46
N ASP A 310 -30.06 6.70 18.68
CA ASP A 310 -31.12 7.66 19.00
C ASP A 310 -31.02 8.91 18.16
N LYS A 311 -29.80 9.43 17.98
CA LYS A 311 -29.58 10.65 17.22
C LYS A 311 -29.46 10.41 15.71
N GLY A 312 -29.34 9.15 15.29
CA GLY A 312 -29.29 8.85 13.87
C GLY A 312 -27.90 8.91 13.26
N SER A 313 -26.91 8.40 13.98
CA SER A 313 -25.53 8.38 13.49
C SER A 313 -24.95 6.98 13.70
N SER A 314 -24.05 6.60 12.80
CA SER A 314 -23.40 5.30 12.86
C SER A 314 -21.91 5.50 13.05
N LEU A 315 -21.31 4.67 13.90
CA LEU A 315 -19.89 4.77 14.24
C LEU A 315 -19.16 3.53 13.76
N VAL A 316 -18.02 3.74 13.11
CA VAL A 316 -17.13 2.67 12.67
C VAL A 316 -15.83 2.80 13.45
N THR A 317 -15.46 1.76 14.17
CA THR A 317 -14.35 1.82 15.10
C THR A 317 -13.43 0.61 14.91
N GLY A 318 -12.13 0.85 14.97
CA GLY A 318 -11.16 -0.22 15.04
C GLY A 318 -10.94 -0.60 16.49
N ILE A 319 -11.01 -1.90 16.77
CA ILE A 319 -10.93 -2.41 18.13
C ILE A 319 -10.19 -3.75 18.10
N VAL A 320 -9.77 -4.20 19.27
CA VAL A 320 -9.08 -5.48 19.44
C VAL A 320 -10.06 -6.48 20.02
N ASP A 321 -10.15 -7.65 19.41
CA ASP A 321 -11.11 -8.68 19.79
C ASP A 321 -10.39 -9.96 20.16
N ALA A 322 -11.04 -10.76 21.00
CA ALA A 322 -10.51 -12.05 21.47
C ALA A 322 -11.54 -13.15 21.26
N ARG A 323 -12.08 -13.21 20.05
CA ARG A 323 -13.16 -14.16 19.74
C ARG A 323 -12.70 -15.59 19.97
N LEU A 324 -13.58 -16.39 20.54
CA LEU A 324 -13.28 -17.79 20.81
C LEU A 324 -13.21 -18.60 19.53
N ASN A 325 -12.47 -19.70 19.58
CA ASN A 325 -12.27 -20.60 18.46
C ASN A 325 -12.84 -21.97 18.80
N LYS A 326 -12.74 -22.90 17.85
CA LYS A 326 -13.20 -24.26 18.08
C LYS A 326 -12.42 -24.93 19.19
N GLN A 327 -11.11 -24.70 19.24
CA GLN A 327 -10.24 -25.25 20.26
C GLN A 327 -10.35 -24.51 21.59
N ASN A 328 -11.26 -23.54 21.68
CA ASN A 328 -11.43 -22.71 22.89
C ASN A 328 -10.14 -22.01 23.27
N ARG A 329 -9.43 -21.50 22.27
CA ARG A 329 -8.21 -20.73 22.46
C ARG A 329 -8.43 -19.30 22.01
N TYR A 330 -7.94 -18.35 22.79
CA TYR A 330 -8.13 -16.93 22.50
C TYR A 330 -7.30 -16.55 21.28
N ASP A 331 -7.95 -16.34 20.15
CA ASP A 331 -7.31 -15.88 18.92
C ASP A 331 -7.59 -14.39 18.79
N THR A 332 -6.60 -13.57 19.11
CA THR A 332 -6.77 -12.12 19.05
C THR A 332 -6.79 -11.66 17.60
N TYR A 333 -7.79 -10.85 17.26
CA TYR A 333 -7.95 -10.31 15.92
C TYR A 333 -7.99 -8.78 15.97
N ASN A 334 -7.42 -8.16 14.95
CA ASN A 334 -7.53 -6.72 14.75
C ASN A 334 -8.79 -6.48 13.94
N THR A 335 -9.87 -6.07 14.62
CA THR A 335 -11.19 -6.04 14.02
C THR A 335 -11.67 -4.60 13.85
N ILE A 336 -12.78 -4.48 13.13
CA ILE A 336 -13.53 -3.25 13.00
C ILE A 336 -14.96 -3.53 13.44
N ILE A 337 -15.45 -2.77 14.41
CA ILE A 337 -16.81 -2.92 14.88
C ILE A 337 -17.65 -1.78 14.31
N THR A 338 -18.96 -2.00 14.28
CA THR A 338 -19.90 -1.02 13.75
C THR A 338 -21.03 -0.84 14.76
N LEU A 339 -21.39 0.41 15.03
CA LEU A 339 -22.42 0.73 16.01
C LEU A 339 -23.37 1.76 15.41
N GLY A 340 -24.42 2.05 16.16
CA GLY A 340 -25.34 3.11 15.79
C GLY A 340 -26.44 2.66 14.84
N LYS A 341 -27.06 3.65 14.21
CA LYS A 341 -28.18 3.40 13.32
C LYS A 341 -27.76 2.56 12.12
N GLY A 342 -28.62 1.64 11.72
CA GLY A 342 -28.38 0.80 10.58
C GLY A 342 -27.50 -0.42 10.84
N ALA A 343 -26.97 -0.56 12.04
CA ALA A 343 -26.14 -1.70 12.41
C ALA A 343 -26.06 -1.83 13.92
N PRO A 344 -27.07 -2.40 14.57
CA PRO A 344 -27.02 -2.54 16.03
C PRO A 344 -25.81 -3.34 16.47
N TYR A 345 -25.21 -2.91 17.57
CA TYR A 345 -23.98 -3.55 18.04
C TYR A 345 -24.31 -4.79 18.85
N SER A 346 -23.61 -5.88 18.55
CA SER A 346 -23.71 -7.11 19.33
C SER A 346 -22.39 -7.86 19.17
N TYR A 347 -22.00 -8.57 20.24
CA TYR A 347 -20.75 -9.32 20.20
C TYR A 347 -20.78 -10.43 19.16
N GLU A 348 -21.97 -10.91 18.79
CA GLU A 348 -22.13 -11.96 17.79
C GLU A 348 -22.57 -11.41 16.44
N SER A 349 -22.50 -10.10 16.25
CA SER A 349 -22.94 -9.50 14.99
C SER A 349 -21.97 -9.84 13.86
N ALA A 350 -22.49 -9.82 12.64
CA ALA A 350 -21.70 -10.13 11.46
C ALA A 350 -21.07 -8.89 10.82
N ASP A 351 -21.39 -7.69 11.32
CA ASP A 351 -20.82 -6.45 10.79
C ASP A 351 -19.46 -6.20 11.44
N ARG A 352 -18.50 -7.05 11.08
CA ARG A 352 -17.14 -6.98 11.60
C ARG A 352 -16.18 -7.16 10.45
N TYR A 353 -14.90 -6.89 10.71
CA TYR A 353 -13.85 -7.14 9.73
C TYR A 353 -12.56 -7.43 10.48
N ASN A 354 -12.22 -8.72 10.57
CA ASN A 354 -10.95 -9.12 11.14
C ASN A 354 -9.82 -8.88 10.14
N LYS A 355 -8.70 -8.36 10.62
CA LYS A 355 -7.58 -8.07 9.75
C LYS A 355 -6.97 -9.37 9.23
N ASN A 356 -6.71 -9.43 7.92
CA ASN A 356 -6.21 -10.63 7.27
C ASN A 356 -4.70 -10.63 7.11
N HIS A 357 -4.15 -9.61 6.46
CA HIS A 357 -2.73 -9.57 6.16
C HIS A 357 -2.02 -8.79 7.26
N LEU A 358 -1.49 -9.52 8.24
CA LEU A 358 -0.82 -8.89 9.37
C LEU A 358 0.56 -8.39 8.97
N VAL A 359 0.98 -7.29 9.57
CA VAL A 359 2.29 -6.70 9.30
C VAL A 359 3.36 -7.54 9.98
N PRO A 360 4.37 -8.01 9.25
CA PRO A 360 5.45 -8.78 9.89
C PRO A 360 6.18 -7.96 10.94
N PHE A 361 6.54 -8.63 12.04
CA PHE A 361 7.33 -8.05 13.12
C PHE A 361 6.61 -6.92 13.85
N GLY A 362 5.39 -6.63 13.44
CA GLY A 362 4.62 -5.58 14.10
C GLY A 362 3.30 -6.11 14.66
N GLU A 363 2.79 -7.18 14.07
CA GLU A 363 1.55 -7.78 14.52
C GLU A 363 1.74 -9.27 14.76
N PHE A 364 2.66 -9.89 14.04
CA PHE A 364 3.05 -11.27 14.30
C PHE A 364 4.57 -11.37 14.21
N VAL A 365 5.13 -12.29 14.98
CA VAL A 365 6.56 -12.53 15.05
C VAL A 365 6.84 -13.90 14.47
N PRO A 366 7.85 -14.06 13.58
CA PRO A 366 8.14 -15.38 13.02
C PRO A 366 8.48 -16.42 14.07
N LEU A 367 7.61 -17.42 14.20
CA LEU A 367 7.77 -18.58 15.07
C LEU A 367 7.61 -18.22 16.54
N GLU A 368 7.56 -16.93 16.86
CA GLU A 368 7.21 -16.41 18.19
C GLU A 368 8.02 -17.06 19.31
N SER A 369 9.18 -17.64 18.99
CA SER A 369 9.94 -18.45 19.94
C SER A 369 11.28 -17.84 20.31
N ILE A 370 12.12 -17.54 19.33
CA ILE A 370 13.48 -17.08 19.58
C ILE A 370 13.58 -15.56 19.47
N LEU A 371 12.96 -14.98 18.45
CA LEU A 371 13.10 -13.54 18.22
C LEU A 371 12.45 -12.72 19.33
N ARG A 372 11.27 -13.14 19.80
CA ARG A 372 10.52 -12.33 20.75
C ARG A 372 11.27 -12.09 22.05
N PRO A 373 11.86 -13.10 22.73
CA PRO A 373 12.59 -12.80 23.97
C PRO A 373 13.88 -12.03 23.74
N LEU A 374 14.38 -11.95 22.51
CA LEU A 374 15.68 -11.35 22.27
C LEU A 374 15.68 -9.85 22.56
N ALA A 375 14.69 -9.13 22.03
CA ALA A 375 14.67 -7.68 22.15
C ALA A 375 13.24 -7.20 22.39
N PRO A 376 13.09 -6.05 23.05
CA PRO A 376 11.74 -5.47 23.20
C PRO A 376 11.09 -5.10 21.88
N PHE A 377 11.87 -4.87 20.83
CA PHE A 377 11.29 -4.58 19.53
C PHE A 377 10.48 -5.76 19.02
N PHE A 378 10.99 -6.98 19.20
CA PHE A 378 10.27 -8.16 18.75
C PHE A 378 9.09 -8.52 19.63
N ASP A 379 8.93 -7.86 20.77
CA ASP A 379 7.78 -8.06 21.66
C ASP A 379 7.13 -6.70 21.88
N LEU A 380 6.28 -6.30 20.95
CA LEU A 380 5.56 -5.04 21.02
C LEU A 380 4.26 -5.20 21.78
N PRO A 381 3.73 -4.11 22.34
CA PRO A 381 2.43 -4.20 23.03
C PRO A 381 1.32 -4.59 22.06
N MET A 382 0.63 -5.68 22.40
CA MET A 382 -0.47 -6.21 21.58
C MET A 382 0.01 -6.53 20.16
N SER A 383 0.95 -7.47 20.08
CA SER A 383 1.57 -7.86 18.81
C SER A 383 1.51 -9.37 18.64
N SER A 384 0.40 -9.98 19.02
CA SER A 384 0.19 -11.42 18.87
C SER A 384 -1.14 -11.68 18.15
N PHE A 385 -1.37 -10.94 17.07
CA PHE A 385 -2.63 -11.01 16.36
C PHE A 385 -2.75 -12.32 15.59
N SER A 386 -3.95 -12.56 15.07
CA SER A 386 -4.25 -13.72 14.24
C SER A 386 -4.97 -13.27 12.99
N ARG A 387 -4.71 -13.97 11.89
CA ARG A 387 -5.28 -13.60 10.61
C ARG A 387 -6.77 -13.91 10.56
N GLY A 388 -7.48 -13.16 9.72
CA GLY A 388 -8.88 -13.40 9.50
C GLY A 388 -9.14 -13.94 8.11
N PRO A 389 -10.41 -14.13 7.76
CA PRO A 389 -10.73 -14.65 6.42
C PRO A 389 -10.24 -13.71 5.34
N TYR A 390 -9.78 -14.30 4.23
CA TYR A 390 -9.28 -13.50 3.11
C TYR A 390 -10.39 -12.65 2.50
N ILE A 391 -11.58 -13.22 2.33
CA ILE A 391 -12.73 -12.51 1.80
C ILE A 391 -13.77 -12.41 2.92
N GLN A 392 -14.16 -11.19 3.23
CA GLN A 392 -15.15 -10.94 4.27
C GLN A 392 -16.25 -10.05 3.73
N PRO A 393 -17.47 -10.18 4.24
CA PRO A 393 -18.56 -9.33 3.76
C PRO A 393 -18.27 -7.88 4.07
N PRO A 394 -18.69 -6.96 3.20
CA PRO A 394 -18.48 -5.54 3.47
C PRO A 394 -19.28 -5.08 4.68
N LEU A 395 -18.71 -4.13 5.40
CA LEU A 395 -19.37 -3.57 6.57
C LEU A 395 -20.60 -2.77 6.17
N SER A 396 -21.66 -2.88 6.96
CA SER A 396 -22.88 -2.11 6.77
C SER A 396 -23.04 -1.15 7.94
N ALA A 397 -23.30 0.12 7.63
CA ALA A 397 -23.42 1.15 8.65
C ALA A 397 -24.34 2.24 8.14
N ASN A 398 -25.51 2.38 8.75
CA ASN A 398 -26.48 3.41 8.37
C ASN A 398 -26.88 3.28 6.90
N GLY A 399 -27.00 2.06 6.43
CA GLY A 399 -27.51 1.81 5.09
C GLY A 399 -26.49 1.91 3.97
N ILE A 400 -25.20 2.03 4.28
CA ILE A 400 -24.16 2.09 3.26
C ILE A 400 -23.22 0.92 3.45
N GLU A 401 -22.73 0.37 2.35
CA GLU A 401 -21.84 -0.78 2.38
C GLU A 401 -20.39 -0.29 2.31
N LEU A 402 -19.59 -0.67 3.30
CA LEU A 402 -18.20 -0.26 3.41
C LEU A 402 -17.30 -1.47 3.22
N THR A 403 -16.37 -1.38 2.27
CA THR A 403 -15.34 -2.40 2.09
C THR A 403 -14.12 -1.98 2.90
N ALA A 404 -13.82 -2.72 3.95
CA ALA A 404 -12.78 -2.33 4.89
C ALA A 404 -11.43 -2.90 4.47
N ALA A 405 -10.37 -2.18 4.86
CA ALA A 405 -9.00 -2.62 4.62
C ALA A 405 -8.15 -1.98 5.71
N ILE A 406 -7.83 -2.73 6.76
CA ILE A 406 -7.18 -2.18 7.93
C ILE A 406 -5.72 -1.92 7.61
N SER A 407 -5.35 -0.65 7.47
CA SER A 407 -3.96 -0.22 7.40
C SER A 407 -3.20 -0.83 6.24
N TYR A 408 -2.35 -1.83 6.53
CA TYR A 408 -1.45 -2.38 5.53
C TYR A 408 -2.20 -3.04 4.39
N GLU A 409 -3.43 -3.50 4.63
CA GLU A 409 -4.17 -4.21 3.60
C GLU A 409 -4.54 -3.32 2.42
N ILE A 410 -4.46 -2.00 2.57
CA ILE A 410 -4.86 -1.12 1.48
C ILE A 410 -3.82 -1.08 0.38
N ILE A 411 -2.57 -1.50 0.65
CA ILE A 411 -1.57 -1.55 -0.41
C ILE A 411 -1.69 -2.82 -1.25
N LEU A 412 -2.47 -3.79 -0.79
CA LEU A 412 -2.67 -5.04 -1.52
C LEU A 412 -3.86 -4.85 -2.45
N GLY A 413 -3.57 -4.59 -3.73
CA GLY A 413 -4.65 -4.29 -4.67
C GLY A 413 -5.59 -5.45 -4.90
N GLU A 414 -5.05 -6.66 -5.01
CA GLU A 414 -5.88 -7.82 -5.29
C GLU A 414 -6.73 -8.24 -4.10
N GLN A 415 -6.21 -8.12 -2.88
CA GLN A 415 -7.02 -8.45 -1.71
C GLN A 415 -8.20 -7.52 -1.56
N VAL A 416 -7.99 -6.22 -1.81
CA VAL A 416 -9.08 -5.26 -1.70
C VAL A 416 -10.12 -5.51 -2.79
N ARG A 417 -9.68 -5.82 -4.01
CA ARG A 417 -10.62 -6.06 -5.09
C ARG A 417 -11.48 -7.29 -4.83
N ASP A 418 -10.89 -8.34 -4.27
CA ASP A 418 -11.66 -9.55 -4.01
C ASP A 418 -12.77 -9.29 -3.00
N ASN A 419 -12.48 -8.50 -1.96
CA ASN A 419 -13.52 -8.12 -1.00
C ASN A 419 -14.48 -7.09 -1.56
N PHE A 420 -14.16 -6.48 -2.70
CA PHE A 420 -14.96 -5.40 -3.27
C PHE A 420 -16.20 -5.99 -3.92
N ARG A 421 -17.32 -5.94 -3.20
CA ARG A 421 -18.59 -6.32 -3.77
C ARG A 421 -19.11 -5.20 -4.67
N PRO A 422 -19.94 -5.52 -5.67
CA PRO A 422 -20.52 -4.46 -6.51
C PRO A 422 -21.40 -3.49 -5.75
N ASP A 423 -21.92 -3.88 -4.59
CA ASP A 423 -22.78 -3.01 -3.79
C ASP A 423 -21.99 -2.05 -2.91
N THR A 424 -20.66 -2.14 -2.89
CA THR A 424 -19.85 -1.28 -2.03
C THR A 424 -20.02 0.18 -2.41
N ASP A 425 -20.28 1.02 -1.40
CA ASP A 425 -20.44 2.46 -1.59
C ASP A 425 -19.15 3.23 -1.33
N TYR A 426 -18.44 2.91 -0.25
CA TYR A 426 -17.17 3.54 0.06
C TYR A 426 -16.13 2.49 0.37
N LEU A 427 -14.87 2.81 0.07
CA LEU A 427 -13.75 2.01 0.53
C LEU A 427 -13.28 2.56 1.86
N LEU A 428 -13.11 1.69 2.84
CA LEU A 428 -12.77 2.08 4.20
C LEU A 428 -11.35 1.63 4.52
N THR A 429 -10.57 2.52 5.13
CA THR A 429 -9.21 2.21 5.54
C THR A 429 -8.93 2.94 6.85
N ILE A 430 -8.59 2.19 7.88
CA ILE A 430 -8.18 2.76 9.16
C ILE A 430 -6.75 2.30 9.43
N SER A 431 -5.88 3.25 9.78
CA SER A 431 -4.47 2.97 9.94
C SER A 431 -3.95 3.65 11.20
N ASN A 432 -2.78 3.21 11.63
CA ASN A 432 -2.06 3.80 12.76
C ASN A 432 -0.63 4.06 12.30
N ASP A 433 -0.40 5.22 11.69
CA ASP A 433 0.90 5.58 11.17
C ASP A 433 1.75 6.35 12.16
N ALA A 434 1.36 6.38 13.44
CA ALA A 434 2.13 7.08 14.46
C ALA A 434 3.50 6.45 14.70
N TRP A 435 3.72 5.23 14.24
CA TRP A 435 5.03 4.60 14.41
C TRP A 435 6.12 5.36 13.67
N PHE A 436 5.85 5.77 12.44
CA PHE A 436 6.89 6.28 11.56
C PHE A 436 7.03 7.79 11.65
N GLY A 437 7.12 8.30 12.88
CA GLY A 437 7.48 9.68 13.18
C GLY A 437 6.98 10.73 12.22
N LYS A 438 7.88 11.64 11.83
CA LYS A 438 7.61 12.68 10.85
C LYS A 438 8.12 12.29 9.46
N SER A 439 8.45 11.02 9.26
CA SER A 439 9.17 10.59 8.06
C SER A 439 8.23 10.52 6.87
N ILE A 440 8.71 9.94 5.77
CA ILE A 440 7.96 9.84 4.53
C ILE A 440 7.12 8.58 4.45
N GLY A 441 7.20 7.71 5.45
CA GLY A 441 6.45 6.47 5.47
C GLY A 441 4.94 6.64 5.42
N PRO A 442 4.40 7.52 6.26
CA PRO A 442 2.95 7.78 6.19
C PRO A 442 2.50 8.28 4.83
N TRP A 443 3.33 9.05 4.13
CA TRP A 443 2.93 9.56 2.82
C TRP A 443 2.94 8.47 1.76
N GLN A 444 3.99 7.64 1.75
CA GLN A 444 4.05 6.55 0.78
C GLN A 444 2.89 5.58 0.97
N HIS A 445 2.55 5.27 2.22
CA HIS A 445 1.38 4.46 2.50
C HIS A 445 0.11 5.17 2.04
N PHE A 446 0.04 6.48 2.25
CA PHE A 446 -1.13 7.26 1.84
C PHE A 446 -1.30 7.26 0.33
N GLN A 447 -0.19 7.35 -0.41
CA GLN A 447 -0.28 7.36 -1.87
C GLN A 447 -0.82 6.04 -2.41
N MET A 448 -0.42 4.93 -1.82
CA MET A 448 -0.93 3.63 -2.25
C MET A 448 -2.43 3.52 -1.97
N ALA A 449 -2.88 4.06 -0.84
CA ALA A 449 -4.31 4.03 -0.53
C ALA A 449 -5.11 4.78 -1.57
N ARG A 450 -4.56 5.86 -2.12
CA ARG A 450 -5.26 6.60 -3.17
C ARG A 450 -5.43 5.78 -4.42
N MET A 451 -4.51 4.83 -4.68
CA MET A 451 -4.62 4.01 -5.88
C MET A 451 -5.84 3.11 -5.84
N ARG A 452 -6.18 2.60 -4.65
CA ARG A 452 -7.35 1.73 -4.54
C ARG A 452 -8.62 2.47 -4.92
N ALA A 453 -8.75 3.72 -4.49
CA ALA A 453 -9.91 4.52 -4.88
C ALA A 453 -9.94 4.76 -6.37
N LEU A 454 -8.77 4.97 -6.97
CA LEU A 454 -8.70 5.25 -8.41
C LEU A 454 -9.14 4.04 -9.23
N GLU A 455 -8.63 2.85 -8.90
CA GLU A 455 -8.87 1.69 -9.73
C GLU A 455 -10.20 1.01 -9.45
N LEU A 456 -10.77 1.18 -8.26
CA LEU A 456 -12.09 0.64 -7.96
C LEU A 456 -13.21 1.65 -8.14
N ALA A 457 -12.88 2.92 -8.43
CA ALA A 457 -13.87 3.98 -8.63
C ALA A 457 -14.81 4.12 -7.44
N ARG A 458 -14.25 4.03 -6.24
CA ARG A 458 -15.03 4.22 -5.02
C ARG A 458 -14.31 5.24 -4.13
N PRO A 459 -15.05 6.13 -3.47
CA PRO A 459 -14.42 7.03 -2.50
C PRO A 459 -13.76 6.25 -1.38
N LEU A 460 -12.60 6.71 -0.95
CA LEU A 460 -11.85 6.07 0.12
C LEU A 460 -11.93 6.94 1.37
N LEU A 461 -12.44 6.36 2.46
CA LEU A 461 -12.56 7.07 3.73
C LEU A 461 -11.41 6.60 4.63
N ARG A 462 -10.26 7.24 4.46
CA ARG A 462 -9.06 6.88 5.21
C ARG A 462 -9.03 7.64 6.52
N SER A 463 -8.90 6.91 7.62
CA SER A 463 -8.80 7.48 8.95
C SER A 463 -7.55 6.94 9.63
N THR A 464 -6.83 7.82 10.33
CA THR A 464 -5.57 7.45 10.95
C THR A 464 -5.49 8.03 12.34
N ASN A 465 -4.65 7.41 13.18
CA ASN A 465 -4.46 7.90 14.54
C ASN A 465 -3.90 9.32 14.52
N ASN A 466 -2.79 9.53 13.81
CA ASN A 466 -2.29 10.86 13.55
C ASN A 466 -1.77 11.04 12.13
N GLY A 467 -1.81 10.00 11.31
CA GLY A 467 -1.31 10.08 9.96
C GLY A 467 -2.21 10.88 9.04
N ILE A 468 -2.10 10.67 7.74
CA ILE A 468 -2.84 11.47 6.77
C ILE A 468 -4.27 10.94 6.74
N THR A 469 -5.16 11.63 7.45
CA THR A 469 -6.59 11.37 7.38
C THR A 469 -7.16 12.16 6.21
N ALA A 470 -7.80 11.47 5.28
CA ALA A 470 -8.27 12.13 4.07
C ALA A 470 -9.45 11.37 3.50
N VAL A 471 -10.21 12.05 2.64
CA VAL A 471 -11.30 11.46 1.89
C VAL A 471 -10.87 11.44 0.44
N ILE A 472 -10.35 10.31 -0.02
CA ILE A 472 -9.90 10.18 -1.40
C ILE A 472 -11.11 10.02 -2.31
N GLY A 473 -11.12 10.76 -3.42
CA GLY A 473 -12.21 10.68 -4.33
C GLY A 473 -12.19 9.40 -5.14
N PRO A 474 -13.18 9.25 -6.02
CA PRO A 474 -13.26 8.01 -6.81
C PRO A 474 -12.24 7.96 -7.95
N GLN A 475 -11.31 8.92 -7.97
CA GLN A 475 -10.28 8.96 -9.00
C GLN A 475 -8.89 9.21 -8.41
N GLY A 476 -8.72 8.97 -7.11
CA GLY A 476 -7.46 9.24 -6.46
C GLY A 476 -7.26 10.67 -6.03
N GLU A 477 -8.19 11.56 -6.35
CA GLU A 477 -8.10 12.94 -5.92
C GLU A 477 -8.39 13.05 -4.43
N ILE A 478 -7.71 13.99 -3.78
CA ILE A 478 -7.88 14.22 -2.35
C ILE A 478 -9.00 15.25 -2.18
N GLN A 479 -10.20 14.77 -1.85
CA GLN A 479 -11.32 15.68 -1.66
C GLN A 479 -11.13 16.54 -0.42
N ALA A 480 -10.59 15.96 0.66
CA ALA A 480 -10.36 16.71 1.88
C ALA A 480 -9.23 16.07 2.65
N MET A 481 -8.58 16.85 3.51
CA MET A 481 -7.50 16.37 4.34
C MET A 481 -7.30 17.33 5.50
N ILE A 482 -6.93 16.79 6.65
CA ILE A 482 -6.63 17.61 7.82
C ILE A 482 -5.12 17.57 8.06
N PRO A 483 -4.55 18.58 8.69
CA PRO A 483 -3.10 18.58 8.94
C PRO A 483 -2.68 17.38 9.77
N GLN A 484 -1.51 16.85 9.43
CA GLN A 484 -0.96 15.69 10.13
C GLN A 484 -0.48 16.08 11.53
N PHE A 485 -0.45 15.10 12.42
CA PHE A 485 0.00 15.27 13.81
C PHE A 485 -0.88 16.27 14.56
N THR A 486 -2.14 16.40 14.18
CA THR A 486 -3.06 17.31 14.83
C THR A 486 -4.33 16.57 15.21
N ARG A 487 -4.77 16.74 16.46
CA ARG A 487 -6.01 16.15 16.94
C ARG A 487 -7.17 16.96 16.38
N GLU A 488 -7.73 16.51 15.26
CA GLU A 488 -8.79 17.24 14.58
C GLU A 488 -9.87 16.24 14.14
N VAL A 489 -10.93 16.77 13.54
CA VAL A 489 -12.01 15.97 12.99
C VAL A 489 -12.24 16.40 11.56
N LEU A 490 -12.25 15.44 10.64
CA LEU A 490 -12.41 15.72 9.21
C LEU A 490 -13.88 15.53 8.84
N THR A 491 -14.66 16.58 9.08
CA THR A 491 -16.08 16.56 8.74
C THR A 491 -16.26 17.07 7.32
N THR A 492 -16.84 16.25 6.45
CA THR A 492 -17.03 16.61 5.07
C THR A 492 -18.18 15.80 4.50
N ASN A 493 -18.66 16.22 3.34
CA ASN A 493 -19.73 15.53 2.63
C ASN A 493 -19.14 14.76 1.46
N VAL A 494 -19.43 13.46 1.38
CA VAL A 494 -18.91 12.59 0.35
C VAL A 494 -20.08 11.89 -0.33
N THR A 495 -20.04 11.85 -1.67
CA THR A 495 -21.10 11.22 -2.45
C THR A 495 -20.63 9.85 -2.92
N PRO A 496 -21.33 8.77 -2.56
CA PRO A 496 -20.90 7.45 -3.01
C PRO A 496 -21.10 7.27 -4.50
N THR A 497 -20.29 6.40 -5.08
CA THR A 497 -20.31 6.13 -6.51
C THR A 497 -20.60 4.66 -6.77
N THR A 498 -21.36 4.39 -7.82
CA THR A 498 -21.67 3.03 -8.24
C THR A 498 -21.19 2.82 -9.66
N GLY A 499 -20.79 1.59 -9.96
CA GLY A 499 -20.25 1.23 -11.26
C GLY A 499 -19.02 0.38 -11.07
N LEU A 500 -18.79 -0.51 -12.03
CA LEU A 500 -17.69 -1.46 -11.97
C LEU A 500 -16.62 -1.10 -13.00
N THR A 501 -15.39 -0.94 -12.53
CA THR A 501 -14.27 -0.73 -13.41
C THR A 501 -13.86 -2.04 -14.08
N PRO A 502 -13.19 -1.98 -15.24
CA PRO A 502 -12.67 -3.22 -15.83
C PRO A 502 -11.70 -3.95 -14.92
N TYR A 503 -10.96 -3.23 -14.07
CA TYR A 503 -10.10 -3.90 -13.10
C TYR A 503 -10.91 -4.65 -12.05
N ALA A 504 -12.01 -4.05 -11.59
CA ALA A 504 -12.84 -4.71 -10.59
C ALA A 504 -13.48 -5.98 -11.15
N ARG A 505 -13.91 -5.93 -12.41
CA ARG A 505 -14.58 -7.09 -13.00
C ARG A 505 -13.59 -8.21 -13.36
N THR A 506 -12.36 -7.87 -13.68
CA THR A 506 -11.38 -8.85 -14.12
C THR A 506 -10.30 -9.12 -13.08
N GLY A 507 -9.60 -8.08 -12.63
CA GLY A 507 -8.57 -8.26 -11.63
C GLY A 507 -7.18 -8.34 -12.21
N ASN A 508 -6.35 -9.22 -11.66
CA ASN A 508 -4.97 -9.36 -12.08
C ASN A 508 -4.78 -10.35 -13.22
N TRP A 509 -5.75 -11.20 -13.50
CA TRP A 509 -5.57 -12.21 -14.53
C TRP A 509 -5.31 -11.64 -15.92
N PRO A 510 -6.00 -10.59 -16.40
CA PRO A 510 -5.69 -10.10 -17.75
C PRO A 510 -4.25 -9.64 -17.91
N LEU A 511 -3.65 -9.09 -16.86
CA LEU A 511 -2.23 -8.70 -16.95
C LEU A 511 -1.33 -9.92 -16.99
N TRP A 512 -1.64 -10.95 -16.19
CA TRP A 512 -0.81 -12.15 -16.18
C TRP A 512 -0.88 -12.90 -17.50
N VAL A 513 -2.00 -12.80 -18.23
CA VAL A 513 -2.04 -13.33 -19.58
C VAL A 513 -1.07 -12.58 -20.47
N LEU A 514 -1.04 -11.25 -20.36
CA LEU A 514 -0.06 -10.45 -21.10
C LEU A 514 1.36 -10.77 -20.67
N THR A 515 1.57 -10.96 -19.37
CA THR A 515 2.89 -11.35 -18.89
C THR A 515 3.28 -12.74 -19.42
N ALA A 516 2.34 -13.69 -19.41
CA ALA A 516 2.62 -15.00 -19.96
C ALA A 516 2.82 -14.93 -21.46
N LEU A 517 2.01 -14.12 -22.15
CA LEU A 517 2.18 -13.96 -23.59
C LEU A 517 3.53 -13.34 -23.92
N PHE A 518 3.96 -12.34 -23.16
CA PHE A 518 5.27 -11.75 -23.38
C PHE A 518 6.39 -12.66 -22.87
N GLY A 519 6.18 -13.29 -21.71
CA GLY A 519 7.19 -14.16 -21.15
C GLY A 519 7.45 -15.41 -21.96
N PHE A 520 6.40 -16.03 -22.52
CA PHE A 520 6.58 -17.22 -23.34
C PHE A 520 7.11 -16.88 -24.73
N ALA A 521 6.79 -15.69 -25.24
CA ALA A 521 7.30 -15.27 -26.54
C ALA A 521 8.72 -14.71 -26.45
N ALA A 522 9.26 -14.54 -25.25
CA ALA A 522 10.62 -14.07 -25.07
C ALA A 522 11.58 -15.18 -24.67
N VAL A 523 11.13 -16.16 -23.87
CA VAL A 523 11.98 -17.28 -23.52
C VAL A 523 12.24 -18.16 -24.72
N LEU A 524 11.21 -18.37 -25.56
CA LEU A 524 11.40 -19.18 -26.76
C LEU A 524 12.39 -18.52 -27.72
N MET A 525 12.31 -17.19 -27.87
CA MET A 525 13.26 -16.48 -28.71
C MET A 525 14.65 -16.42 -28.10
N SER A 526 14.79 -16.74 -26.81
CA SER A 526 16.10 -16.83 -26.18
C SER A 526 16.69 -18.23 -26.31
N LEU A 527 15.85 -19.26 -26.24
CA LEU A 527 16.31 -20.63 -26.47
C LEU A 527 16.56 -20.92 -27.94
N ARG A 528 16.00 -20.11 -28.84
CA ARG A 528 16.19 -20.34 -30.27
C ARG A 528 17.66 -20.17 -30.66
N GLN A 529 18.31 -19.14 -30.13
CA GLN A 529 19.72 -18.88 -30.45
C GLN A 529 20.63 -19.76 -29.60
C1 PTY B . -0.18 -0.29 11.31
C2 PTY B . 1.16 -3.12 17.66
C3 PTY B . -0.24 -2.91 17.09
O4 PTY B . 0.22 -0.92 10.12
C5 PTY B . -1.04 -1.09 13.50
C6 PTY B . 0.09 -1.22 12.49
O7 PTY B . 1.28 -0.82 13.12
C8 PTY B . 2.31 -1.76 13.05
O10 PTY B . 2.09 -2.87 12.72
C11 PTY B . 3.74 -1.34 13.38
C12 PTY B . 4.74 -2.07 12.49
C13 PTY B . 6.05 -1.30 12.48
C14 PTY B . 7.21 -2.28 12.72
C15 PTY B . 7.83 -2.68 11.38
C16 PTY B . 9.17 -3.35 11.66
C17 PTY B . 9.73 -3.92 10.35
C18 PTY B . 11.17 -4.36 10.58
C19 PTY B . 11.74 -4.94 9.29
C20 PTY B . 13.25 -5.10 9.43
C21 PTY B . 13.56 -6.31 10.31
C22 PTY B . 13.37 -7.59 9.49
C23 PTY B . 14.32 -7.56 8.30
C24 PTY B . 13.57 -7.95 7.04
C25 PTY B . 14.16 -9.24 6.47
C26 PTY B . 13.38 -10.44 7.01
C27 PTY B . 14.15 -11.73 6.73
C28 PTY B . 14.59 -11.76 5.27
C29 PTY B . 15.63 -12.86 5.08
C30 PTY B . 1.01 -0.13 9.30
C31 PTY B . 1.90 -0.79 8.25
O30 PTY B . 1.00 1.04 9.41
C32 PTY B . 2.86 0.25 7.67
C33 PTY B . 3.63 -0.36 6.51
C34 PTY B . 4.44 -1.56 7.00
C35 PTY B . 5.58 -1.07 7.89
C36 PTY B . 6.88 -1.77 7.53
C37 PTY B . 6.66 -3.28 7.50
C38 PTY B . 7.98 -3.97 7.16
C39 PTY B . 7.70 -5.42 6.76
C40 PTY B . 9.02 -6.15 6.52
C41 PTY B . 8.74 -7.55 5.96
C42 PTY B . 10.06 -8.23 5.63
C43 PTY B . 9.79 -9.57 4.93
C44 PTY B . 8.98 -9.32 3.66
P1 PTY B . -1.46 -0.84 16.07
O11 PTY B . -0.61 -1.58 17.27
O12 PTY B . -2.68 -1.68 15.74
O13 PTY B . -1.89 0.53 16.52
O14 PTY B . -0.52 -0.71 14.73
N1 PTY B . 1.31 -4.52 18.03
#